data_3IAX
#
_entry.id   3IAX
#
_cell.length_a   61.955
_cell.length_b   40.174
_cell.length_c   80.868
_cell.angle_alpha   90.00
_cell.angle_beta   97.18
_cell.angle_gamma   90.00
#
_symmetry.space_group_name_H-M   'P 1 21 1'
#
loop_
_entity.id
_entity.type
_entity.pdbx_description
1 polymer 'Protein tolB'
2 polymer Colicin-A
3 non-polymer 'SODIUM ION'
4 non-polymer 'CALCIUM ION'
5 non-polymer GLYCEROL
6 water water
#
loop_
_entity_poly.entity_id
_entity_poly.type
_entity_poly.pdbx_seq_one_letter_code
_entity_poly.pdbx_strand_id
1 'polypeptide(L)'
;MKQALRVAFGFLILWASVLHAEVRIVIDSGVDSGRPIGVVPFQWAGPGAAPEDIGGIVAADLRNSGKFNPLDRARLPQQP
GSAQEVQPAAWSALGIDAVVVGQVTPNPDGSYNVAYQLVDTGGAPGTVLAQNSYKVNKQWLRYAGHTASDEVFEKLTGIK
GAFRTRIAYVVQTNGGQFPYELRVSDYDGYNQFVVHRSPQPLMSPAWSPDGSKLAYVTFESGRSALVIQTLANGAVRQVA
SFPRHNGAPAFSPDGSKLAFALSKTGSLNLYVMDLASGQIRQVTDGRSNNTEPTWFPDSQNLAFTSDQAGRPQVYKVNIN
GGAPQRITWEGSQNQDADVSSDGKFMVMVSSNGGQQHIAKQDLATGGVQVLSSTFLDETPSLAPNGTMVIYSSSQGMGSV
LNLVSTDGRFKARLPATDGQVKFPAWSPYLLEHHHHHH
;
A
2 'polypeptide(L)'
;MPGFNYGGKGDGTGWSSERGSGPEPGGGSHGNSGGHDRGDSSNVGNESVTVMKPGDSYNTPWGKVIINAAGQPTMNGTVM
TADNSSMVPYGRGFTRVLNSLVNNPVSLEHHHHHH
;
B
#
# COMPACT_ATOMS: atom_id res chain seq x y z
N ASP A 32 7.16 17.52 -12.36
CA ASP A 32 7.25 18.35 -11.17
C ASP A 32 6.00 18.32 -10.29
N SER A 33 4.88 18.79 -10.77
CA SER A 33 3.69 18.67 -10.03
C SER A 33 2.94 17.90 -11.08
N GLY A 34 1.89 17.20 -10.66
CA GLY A 34 1.11 16.38 -11.56
C GLY A 34 0.30 17.14 -12.59
N ARG A 35 -0.14 16.45 -13.63
CA ARG A 35 -0.95 17.06 -14.68
C ARG A 35 -2.14 17.80 -14.08
N PRO A 36 -2.30 19.06 -14.46
CA PRO A 36 -3.39 19.88 -13.95
C PRO A 36 -4.74 19.27 -14.32
N ILE A 37 -5.67 19.31 -13.39
CA ILE A 37 -7.03 18.80 -13.61
C ILE A 37 -7.98 19.55 -12.69
N GLY A 38 -9.17 19.88 -13.21
CA GLY A 38 -10.18 20.52 -12.40
C GLY A 38 -11.14 19.49 -11.86
N VAL A 39 -11.29 19.47 -10.54
CA VAL A 39 -12.31 18.67 -9.89
C VAL A 39 -13.36 19.59 -9.24
N VAL A 40 -14.57 19.53 -9.77
CA VAL A 40 -15.65 20.36 -9.27
C VAL A 40 -16.38 19.66 -8.10
N PRO A 41 -16.64 20.41 -7.01
CA PRO A 41 -17.52 19.91 -5.93
C PRO A 41 -18.78 19.30 -6.53
N PHE A 42 -19.19 18.15 -6.05
CA PHE A 42 -20.24 17.44 -6.71
C PHE A 42 -21.56 18.10 -6.37
N GLN A 43 -22.54 18.04 -7.25
CA GLN A 43 -23.77 18.74 -7.00
C GLN A 43 -24.55 17.96 -5.99
N TRP A 44 -25.01 18.60 -4.92
CA TRP A 44 -25.75 17.94 -3.85
C TRP A 44 -27.16 18.44 -3.75
N ALA A 45 -28.14 17.60 -3.99
CA ALA A 45 -29.52 17.98 -3.89
C ALA A 45 -30.18 17.63 -2.57
N GLY A 46 -30.22 18.54 -1.60
CA GLY A 46 -30.90 18.24 -0.35
C GLY A 46 -30.58 18.84 1.01
N PRO A 47 -31.02 18.14 2.05
CA PRO A 47 -30.78 18.54 3.44
C PRO A 47 -29.39 19.09 3.74
N GLY A 48 -29.36 20.37 4.12
CA GLY A 48 -28.12 21.06 4.50
C GLY A 48 -26.96 20.76 3.57
N ALA A 49 -25.85 20.30 4.15
CA ALA A 49 -24.65 19.91 3.40
C ALA A 49 -24.60 18.40 3.12
N ALA A 50 -23.96 18.06 2.00
CA ALA A 50 -23.80 16.66 1.57
C ALA A 50 -23.24 15.74 2.68
N PRO A 51 -23.55 14.44 2.63
CA PRO A 51 -23.03 13.57 3.69
C PRO A 51 -21.54 13.25 3.51
N GLU A 52 -21.03 13.44 2.29
CA GLU A 52 -19.61 13.26 1.99
C GLU A 52 -19.21 14.16 0.82
N ASP A 53 -17.98 14.65 0.87
CA ASP A 53 -17.43 15.47 -0.19
C ASP A 53 -16.84 14.57 -1.30
N ILE A 54 -17.69 14.12 -2.22
CA ILE A 54 -17.29 13.11 -3.22
C ILE A 54 -16.17 13.63 -4.11
N GLY A 55 -16.26 14.89 -4.48
CA GLY A 55 -15.23 15.53 -5.30
C GLY A 55 -13.94 15.83 -4.56
N GLY A 56 -13.99 15.88 -3.23
CA GLY A 56 -12.79 16.05 -2.41
C GLY A 56 -12.02 14.76 -2.42
N ILE A 57 -12.76 13.66 -2.33
CA ILE A 57 -12.20 12.32 -2.36
C ILE A 57 -11.47 12.12 -3.69
N VAL A 58 -12.15 12.46 -4.79
CA VAL A 58 -11.63 12.34 -6.14
C VAL A 58 -10.39 13.22 -6.38
N ALA A 59 -10.41 14.44 -5.86
CA ALA A 59 -9.23 15.32 -5.92
C ALA A 59 -8.04 14.76 -5.15
N ALA A 60 -8.29 14.29 -3.92
CA ALA A 60 -7.22 13.87 -3.03
C ALA A 60 -6.57 12.59 -3.49
N ASP A 61 -7.39 11.68 -4.01
CA ASP A 61 -6.93 10.43 -4.59
C ASP A 61 -6.00 10.70 -5.75
N LEU A 62 -6.43 11.58 -6.65
CA LEU A 62 -5.72 11.84 -7.89
C LEU A 62 -4.40 12.55 -7.55
N ARG A 63 -4.45 13.41 -6.53
CA ARG A 63 -3.26 14.09 -6.02
C ARG A 63 -2.29 13.07 -5.40
N ASN A 64 -2.81 12.16 -4.57
CA ASN A 64 -2.03 11.04 -4.00
C ASN A 64 -1.15 10.20 -4.95
N SER A 65 -1.58 10.04 -6.20
CA SER A 65 -0.87 9.19 -7.16
C SER A 65 0.37 9.84 -7.71
N GLY A 66 0.49 11.15 -7.48
CA GLY A 66 1.60 11.94 -7.99
C GLY A 66 1.37 12.40 -9.40
N LYS A 67 0.39 11.83 -10.05
CA LYS A 67 0.10 12.06 -11.43
C LYS A 67 -0.69 13.28 -11.78
N PHE A 68 -1.47 13.76 -10.81
CA PHE A 68 -2.35 14.89 -11.06
C PHE A 68 -2.28 15.96 -9.97
N ASN A 69 -2.34 17.21 -10.41
CA ASN A 69 -2.34 18.33 -9.54
C ASN A 69 -3.73 18.91 -9.69
N PRO A 70 -4.68 18.48 -8.88
CA PRO A 70 -6.01 19.07 -8.89
C PRO A 70 -6.01 20.53 -8.53
N LEU A 71 -6.70 21.35 -9.33
CA LEU A 71 -6.80 22.79 -9.09
C LEU A 71 -7.52 23.00 -7.77
N ASP A 72 -6.97 23.87 -6.94
CA ASP A 72 -7.59 24.18 -5.66
C ASP A 72 -9.05 24.59 -5.88
N ARG A 73 -9.92 24.15 -4.98
CA ARG A 73 -11.36 24.36 -5.10
C ARG A 73 -11.72 25.85 -5.12
N ALA A 74 -11.01 26.63 -4.31
CA ALA A 74 -11.21 28.08 -4.27
C ALA A 74 -10.86 28.78 -5.59
N ARG A 75 -9.96 28.19 -6.37
CA ARG A 75 -9.46 28.81 -7.59
C ARG A 75 -10.25 28.41 -8.82
N LEU A 76 -11.37 27.72 -8.64
CA LEU A 76 -12.19 27.27 -9.78
C LEU A 76 -12.88 28.44 -10.51
N PRO A 77 -12.85 28.45 -11.82
CA PRO A 77 -13.56 29.44 -12.62
C PRO A 77 -15.05 29.22 -12.73
N GLN A 78 -15.50 28.00 -12.45
CA GLN A 78 -16.91 27.65 -12.52
C GLN A 78 -17.20 26.36 -11.77
N GLN A 79 -18.32 26.29 -11.12
CA GLN A 79 -18.67 25.12 -10.41
C GLN A 79 -19.73 24.49 -11.24
N PRO A 80 -19.37 23.84 -12.32
CA PRO A 80 -20.38 23.23 -13.17
C PRO A 80 -20.98 21.99 -12.52
N GLY A 81 -22.26 21.77 -12.69
CA GLY A 81 -22.93 20.69 -12.03
C GLY A 81 -23.28 19.55 -12.93
N SER A 82 -23.00 19.69 -14.20
CA SER A 82 -23.19 18.60 -15.18
C SER A 82 -22.28 18.82 -16.40
N ALA A 83 -22.30 17.87 -17.34
CA ALA A 83 -21.42 17.92 -18.53
C ALA A 83 -21.61 19.14 -19.47
N GLN A 84 -22.78 19.77 -19.40
CA GLN A 84 -23.12 20.86 -20.31
C GLN A 84 -22.85 22.22 -19.68
N GLU A 85 -22.84 22.25 -18.35
CA GLU A 85 -22.60 23.49 -17.62
C GLU A 85 -21.11 23.75 -17.47
N VAL A 86 -20.31 23.13 -18.33
CA VAL A 86 -18.86 23.30 -18.29
C VAL A 86 -18.38 24.19 -19.42
N GLN A 87 -17.58 25.20 -19.07
CA GLN A 87 -17.05 26.13 -20.06
C GLN A 87 -15.59 25.82 -20.38
N PRO A 88 -15.37 25.12 -21.48
CA PRO A 88 -14.01 24.74 -21.90
C PRO A 88 -12.99 25.88 -21.93
N ALA A 89 -13.40 27.06 -22.40
CA ALA A 89 -12.53 28.24 -22.45
C ALA A 89 -11.95 28.49 -21.07
N ALA A 90 -12.82 28.67 -20.09
CA ALA A 90 -12.46 28.85 -18.69
C ALA A 90 -11.34 27.91 -18.21
N TRP A 91 -11.45 26.66 -18.59
CA TRP A 91 -10.51 25.67 -18.17
C TRP A 91 -9.26 25.58 -18.96
N SER A 92 -9.33 25.62 -20.29
CA SER A 92 -8.17 25.62 -21.18
C SER A 92 -7.29 26.74 -20.78
N ALA A 93 -7.91 27.90 -20.58
CA ALA A 93 -7.18 29.11 -20.18
C ALA A 93 -6.28 28.91 -18.97
N LEU A 94 -6.51 27.84 -18.21
CA LEU A 94 -5.69 27.60 -17.02
C LEU A 94 -4.78 26.37 -17.15
N GLY A 95 -4.69 25.81 -18.36
CA GLY A 95 -3.80 24.66 -18.58
C GLY A 95 -4.47 23.34 -18.24
N ILE A 96 -5.79 23.37 -18.12
CA ILE A 96 -6.56 22.20 -17.73
C ILE A 96 -7.39 21.63 -18.89
N ASP A 97 -7.06 20.40 -19.28
CA ASP A 97 -7.71 19.77 -20.41
C ASP A 97 -8.75 18.71 -20.04
N ALA A 98 -9.03 18.56 -18.76
CA ALA A 98 -10.12 17.68 -18.30
C ALA A 98 -10.78 18.19 -17.04
N VAL A 99 -12.10 18.11 -16.99
CA VAL A 99 -12.83 18.51 -15.80
C VAL A 99 -13.67 17.35 -15.31
N VAL A 100 -13.71 17.16 -13.99
CA VAL A 100 -14.56 16.18 -13.34
C VAL A 100 -15.71 16.90 -12.64
N VAL A 101 -16.94 16.56 -13.03
CA VAL A 101 -18.12 17.10 -12.39
C VAL A 101 -18.97 15.90 -11.96
N GLY A 102 -19.81 16.06 -10.97
CA GLY A 102 -20.61 14.93 -10.61
C GLY A 102 -21.86 15.32 -9.88
N GLN A 103 -22.72 14.35 -9.62
CA GLN A 103 -23.94 14.60 -8.92
C GLN A 103 -24.18 13.63 -7.79
N VAL A 104 -24.83 14.13 -6.76
CA VAL A 104 -25.18 13.32 -5.63
C VAL A 104 -26.61 13.57 -5.19
N THR A 105 -27.48 12.57 -5.36
CA THR A 105 -28.87 12.70 -4.96
C THR A 105 -29.38 11.64 -4.00
N PRO A 106 -30.33 11.98 -3.14
CA PRO A 106 -30.80 10.98 -2.18
C PRO A 106 -32.05 10.20 -2.61
N ASN A 107 -32.22 9.03 -2.01
CA ASN A 107 -33.25 8.06 -2.29
C ASN A 107 -34.04 7.62 -1.06
N PRO A 108 -35.36 7.77 -1.15
CA PRO A 108 -36.26 7.44 -0.06
C PRO A 108 -35.69 6.28 0.69
N ASP A 109 -35.03 5.43 -0.05
CA ASP A 109 -34.57 4.16 0.49
C ASP A 109 -33.36 4.34 1.40
N GLY A 110 -33.05 5.59 1.73
CA GLY A 110 -31.90 5.89 2.58
C GLY A 110 -30.59 5.82 1.84
N SER A 111 -30.63 5.31 0.62
CA SER A 111 -29.46 5.19 -0.18
C SER A 111 -29.22 6.43 -0.99
N TYR A 112 -28.18 6.42 -1.80
CA TYR A 112 -27.75 7.56 -2.59
C TYR A 112 -27.35 7.23 -4.00
N ASN A 113 -27.55 8.19 -4.88
CA ASN A 113 -27.15 8.09 -6.26
C ASN A 113 -25.96 9.03 -6.39
N VAL A 114 -24.88 8.53 -6.94
CA VAL A 114 -23.62 9.26 -7.10
C VAL A 114 -23.20 9.08 -8.54
N ALA A 115 -22.93 10.20 -9.21
CA ALA A 115 -22.50 10.14 -10.59
C ALA A 115 -21.47 11.20 -10.90
N TYR A 116 -20.59 10.86 -11.83
CA TYR A 116 -19.56 11.76 -12.30
C TYR A 116 -19.57 11.78 -13.84
N GLN A 117 -19.04 12.86 -14.41
CA GLN A 117 -18.80 12.91 -15.83
C GLN A 117 -17.42 13.50 -15.99
N LEU A 118 -16.58 12.86 -16.79
CA LEU A 118 -15.23 13.38 -17.06
C LEU A 118 -15.30 14.09 -18.38
N VAL A 119 -15.18 15.41 -18.35
CA VAL A 119 -15.30 16.13 -19.59
C VAL A 119 -14.02 16.77 -20.09
N ASP A 120 -13.72 16.47 -21.35
CA ASP A 120 -12.63 17.05 -22.11
C ASP A 120 -12.77 18.56 -22.31
N THR A 121 -11.69 19.29 -22.02
CA THR A 121 -11.62 20.71 -22.32
C THR A 121 -10.32 21.00 -23.07
N GLY A 122 -9.95 20.10 -23.97
CA GLY A 122 -8.72 20.22 -24.73
C GLY A 122 -8.99 20.13 -26.22
N GLY A 123 -8.73 18.96 -26.79
CA GLY A 123 -8.99 18.73 -28.20
C GLY A 123 -10.47 18.65 -28.50
N ALA A 124 -11.20 17.95 -27.65
CA ALA A 124 -12.65 17.81 -27.81
C ALA A 124 -13.26 18.58 -26.65
N PRO A 125 -13.55 19.85 -26.87
CA PRO A 125 -14.11 20.72 -25.84
C PRO A 125 -15.58 20.34 -25.63
N GLY A 126 -15.92 19.94 -24.41
CA GLY A 126 -17.32 19.59 -24.07
C GLY A 126 -17.69 18.13 -24.23
N THR A 127 -16.76 17.31 -24.70
CA THR A 127 -16.99 15.88 -24.88
C THR A 127 -16.91 15.11 -23.56
N VAL A 128 -17.79 14.14 -23.38
CA VAL A 128 -17.74 13.26 -22.22
C VAL A 128 -16.83 12.08 -22.50
N LEU A 129 -15.74 11.99 -21.74
CA LEU A 129 -14.69 11.01 -21.96
C LEU A 129 -14.97 9.76 -21.16
N ALA A 130 -15.62 9.94 -20.01
CA ALA A 130 -16.01 8.85 -19.14
C ALA A 130 -17.15 9.36 -18.29
N GLN A 131 -17.98 8.43 -17.84
CA GLN A 131 -19.09 8.77 -16.94
C GLN A 131 -19.68 7.50 -16.32
N ASN A 132 -20.24 7.62 -15.12
CA ASN A 132 -20.89 6.46 -14.50
C ASN A 132 -21.84 6.88 -13.39
N SER A 133 -22.64 5.94 -12.92
CA SER A 133 -23.70 6.14 -11.94
C SER A 133 -23.83 5.03 -10.94
N TYR A 134 -23.79 5.31 -9.63
CA TYR A 134 -23.98 4.34 -8.56
C TYR A 134 -25.10 4.69 -7.57
N LYS A 135 -25.59 3.51 -7.20
CA LYS A 135 -26.52 3.55 -6.10
C LYS A 135 -25.81 2.89 -4.90
N VAL A 136 -25.53 3.66 -3.87
CA VAL A 136 -24.83 3.15 -2.73
C VAL A 136 -25.44 3.60 -1.42
N ASN A 137 -25.25 2.82 -0.38
CA ASN A 137 -25.69 3.28 0.95
C ASN A 137 -24.68 4.28 1.51
N LYS A 138 -25.10 5.08 2.45
CA LYS A 138 -24.20 6.04 3.01
C LYS A 138 -22.88 5.43 3.37
N GLN A 139 -22.80 4.14 3.54
CA GLN A 139 -21.54 3.69 4.03
C GLN A 139 -20.59 3.42 2.91
N TRP A 140 -21.11 3.22 1.69
CA TRP A 140 -20.26 3.28 0.57
C TRP A 140 -20.10 4.55 -0.14
N LEU A 141 -20.39 5.74 0.52
CA LEU A 141 -19.98 6.94 -0.18
C LEU A 141 -18.55 7.23 -0.49
N ARG A 142 -17.63 6.69 0.29
CA ARG A 142 -16.24 6.92 0.09
C ARG A 142 -15.85 6.06 -1.04
N TYR A 143 -16.38 4.83 -1.02
CA TYR A 143 -16.24 3.85 -2.07
C TYR A 143 -16.67 4.40 -3.43
N ALA A 144 -17.80 5.10 -3.46
CA ALA A 144 -18.32 5.67 -4.70
C ALA A 144 -17.37 6.77 -5.23
N GLY A 145 -16.84 7.58 -4.34
CA GLY A 145 -15.79 8.54 -4.69
C GLY A 145 -14.56 7.83 -5.22
N HIS A 146 -14.15 6.75 -4.55
CA HIS A 146 -13.00 5.99 -5.01
C HIS A 146 -13.25 5.30 -6.35
N THR A 147 -14.50 4.98 -6.68
CA THR A 147 -14.77 4.35 -7.97
C THR A 147 -14.60 5.39 -9.05
N ALA A 148 -15.06 6.61 -8.76
CA ALA A 148 -14.91 7.75 -9.67
C ALA A 148 -13.43 8.03 -9.95
N SER A 149 -12.65 8.22 -8.87
CA SER A 149 -11.20 8.30 -8.94
C SER A 149 -10.55 7.25 -9.84
N ASP A 150 -10.81 5.97 -9.57
CA ASP A 150 -10.29 4.82 -10.35
C ASP A 150 -10.61 4.91 -11.84
N GLU A 151 -11.85 5.28 -12.14
CA GLU A 151 -12.34 5.36 -13.51
C GLU A 151 -11.69 6.52 -14.25
N VAL A 152 -11.67 7.68 -13.60
CA VAL A 152 -11.06 8.87 -14.21
C VAL A 152 -9.56 8.65 -14.42
N PHE A 153 -8.94 8.05 -13.41
CA PHE A 153 -7.51 7.82 -13.37
C PHE A 153 -7.06 6.99 -14.55
N GLU A 154 -7.81 5.93 -14.78
CA GLU A 154 -7.48 4.93 -15.75
C GLU A 154 -7.72 5.43 -17.16
N LYS A 155 -8.77 6.25 -17.32
CA LYS A 155 -9.10 6.84 -18.61
C LYS A 155 -8.01 7.80 -19.06
N LEU A 156 -7.46 8.57 -18.13
CA LEU A 156 -6.46 9.59 -18.49
C LEU A 156 -5.02 9.09 -18.52
N THR A 157 -4.71 8.04 -17.75
CA THR A 157 -3.36 7.51 -17.71
C THR A 157 -3.18 6.11 -18.35
N GLY A 158 -4.26 5.35 -18.47
CA GLY A 158 -4.15 3.99 -19.03
C GLY A 158 -3.58 2.99 -18.02
N ILE A 159 -3.50 3.43 -16.78
CA ILE A 159 -3.00 2.65 -15.66
C ILE A 159 -4.17 2.32 -14.74
N LYS A 160 -4.25 1.06 -14.35
CA LYS A 160 -5.32 0.56 -13.52
C LYS A 160 -5.35 1.34 -12.19
N GLY A 161 -6.52 1.82 -11.79
CA GLY A 161 -6.64 2.60 -10.55
C GLY A 161 -6.53 1.75 -9.29
N ALA A 162 -5.98 2.32 -8.24
CA ALA A 162 -5.73 1.58 -6.99
C ALA A 162 -6.38 2.22 -5.75
N PHE A 163 -7.38 3.06 -5.97
CA PHE A 163 -7.99 3.83 -4.88
C PHE A 163 -9.03 3.07 -4.05
N ARG A 164 -9.47 1.91 -4.54
CA ARG A 164 -10.41 1.01 -3.82
C ARG A 164 -9.71 -0.20 -3.18
N THR A 165 -8.42 -0.03 -2.89
CA THR A 165 -7.63 -1.06 -2.23
C THR A 165 -7.18 -0.55 -0.85
N ARG A 166 -7.20 -1.46 0.10
CA ARG A 166 -6.82 -1.29 1.48
CA ARG A 166 -6.86 -1.31 1.49
C ARG A 166 -5.44 -1.47 2.01
N ILE A 167 -5.21 -1.13 3.26
CA ILE A 167 -3.93 -1.46 3.85
C ILE A 167 -4.09 -2.17 5.16
N ALA A 168 -3.15 -2.97 5.56
CA ALA A 168 -3.19 -3.65 6.85
C ALA A 168 -1.94 -3.20 7.59
N TYR A 169 -1.97 -3.09 8.92
CA TYR A 169 -0.86 -2.60 9.76
C TYR A 169 -1.09 -2.98 11.24
N VAL A 170 -0.09 -2.79 12.05
CA VAL A 170 -0.22 -3.08 13.44
C VAL A 170 -0.23 -1.82 14.24
N VAL A 171 -1.11 -1.72 15.20
CA VAL A 171 -1.16 -0.56 16.04
C VAL A 171 -0.90 -0.97 17.44
N GLN A 172 -0.05 -0.23 18.09
CA GLN A 172 0.21 -0.36 19.50
C GLN A 172 -0.59 0.74 20.13
N THR A 173 -1.62 0.37 20.86
CA THR A 173 -2.54 1.31 21.49
C THR A 173 -2.12 1.60 22.93
N ASN A 174 -2.89 2.43 23.62
CA ASN A 174 -2.66 2.62 25.06
C ASN A 174 -3.45 1.68 25.97
N GLY A 175 -4.15 0.73 25.40
CA GLY A 175 -4.84 -0.23 26.18
C GLY A 175 -3.83 -1.17 26.80
N GLY A 176 -4.12 -1.63 27.98
CA GLY A 176 -3.20 -2.47 28.66
C GLY A 176 -3.23 -3.92 28.38
N GLN A 177 -4.41 -4.46 28.22
CA GLN A 177 -4.63 -5.85 28.01
C GLN A 177 -4.33 -6.41 26.61
N PHE A 178 -4.77 -5.72 25.59
CA PHE A 178 -4.50 -6.15 24.22
C PHE A 178 -3.92 -4.98 23.44
N PRO A 179 -2.67 -4.57 23.77
CA PRO A 179 -2.09 -3.34 23.19
C PRO A 179 -1.80 -3.42 21.68
N TYR A 180 -1.63 -4.59 21.11
CA TYR A 180 -1.40 -4.73 19.70
C TYR A 180 -2.63 -5.10 18.91
N GLU A 181 -2.85 -4.39 17.83
CA GLU A 181 -4.09 -4.47 17.06
C GLU A 181 -3.86 -4.52 15.55
N LEU A 182 -3.98 -5.73 14.99
CA LEU A 182 -3.86 -5.91 13.56
C LEU A 182 -5.07 -5.24 12.97
N ARG A 183 -4.87 -4.23 12.17
CA ARG A 183 -5.99 -3.46 11.60
C ARG A 183 -5.94 -3.39 10.10
N VAL A 184 -7.05 -3.04 9.51
CA VAL A 184 -7.17 -2.84 8.08
C VAL A 184 -7.94 -1.57 7.86
N SER A 185 -7.66 -0.84 6.81
CA SER A 185 -8.42 0.31 6.43
C SER A 185 -8.23 0.54 4.96
N ASP A 186 -8.87 1.57 4.45
CA ASP A 186 -8.75 1.99 3.09
C ASP A 186 -7.38 2.59 2.98
N TYR A 187 -6.75 2.43 1.84
CA TYR A 187 -5.40 2.94 1.62
C TYR A 187 -5.18 4.36 2.21
N ASP A 188 -6.25 5.16 2.33
CA ASP A 188 -6.12 6.58 2.67
C ASP A 188 -6.42 6.89 4.15
N GLY A 189 -6.57 5.83 4.95
CA GLY A 189 -6.79 5.96 6.36
C GLY A 189 -8.21 5.78 6.85
N TYR A 190 -9.21 5.99 6.00
CA TYR A 190 -10.61 5.93 6.43
C TYR A 190 -11.14 4.52 6.48
N ASN A 191 -12.16 4.31 7.31
CA ASN A 191 -12.80 3.00 7.46
C ASN A 191 -11.93 1.90 8.07
N GLN A 192 -11.20 2.21 9.14
CA GLN A 192 -10.42 1.16 9.80
C GLN A 192 -11.27 0.20 10.65
N PHE A 193 -10.83 -1.06 10.66
CA PHE A 193 -11.40 -2.05 11.54
C PHE A 193 -10.34 -2.98 12.11
N VAL A 194 -10.69 -3.65 13.19
CA VAL A 194 -9.78 -4.55 13.86
C VAL A 194 -9.97 -5.98 13.36
N VAL A 195 -8.86 -6.61 12.98
CA VAL A 195 -8.79 -8.00 12.64
C VAL A 195 -8.46 -8.86 13.87
N HIS A 196 -7.53 -8.40 14.70
CA HIS A 196 -6.99 -9.20 15.81
C HIS A 196 -6.41 -8.31 16.91
N ARG A 197 -6.71 -8.65 18.16
CA ARG A 197 -6.09 -7.99 19.32
C ARG A 197 -5.23 -9.01 19.99
N SER A 198 -4.13 -8.54 20.57
CA SER A 198 -3.17 -9.45 21.17
C SER A 198 -2.51 -8.80 22.39
N PRO A 199 -2.22 -9.55 23.42
CA PRO A 199 -1.41 -9.02 24.48
C PRO A 199 0.05 -9.01 24.21
N GLN A 200 0.49 -9.77 23.25
CA GLN A 200 1.82 -9.66 22.71
C GLN A 200 1.94 -8.97 21.38
N PRO A 201 3.13 -8.88 20.86
CA PRO A 201 3.33 -8.20 19.63
C PRO A 201 2.96 -8.96 18.38
N LEU A 202 2.55 -8.20 17.40
CA LEU A 202 2.23 -8.69 16.10
C LEU A 202 3.12 -8.04 15.10
N MET A 203 3.63 -8.80 14.16
CA MET A 203 4.47 -8.23 13.14
C MET A 203 4.09 -8.65 11.78
N SER A 204 4.52 -7.82 10.86
CA SER A 204 4.59 -8.04 9.45
C SER A 204 3.46 -8.72 8.72
N PRO A 205 2.33 -8.09 8.65
CA PRO A 205 1.23 -8.59 7.88
C PRO A 205 1.37 -8.73 6.38
N ALA A 206 0.75 -9.74 5.84
CA ALA A 206 0.83 -9.98 4.43
C ALA A 206 -0.47 -10.42 3.80
N TRP A 207 -0.85 -9.79 2.73
CA TRP A 207 -2.04 -10.09 2.03
C TRP A 207 -1.90 -11.22 1.05
N SER A 208 -2.92 -12.04 0.96
CA SER A 208 -3.01 -13.09 0.02
C SER A 208 -3.40 -12.37 -1.26
N PRO A 209 -3.01 -12.86 -2.42
CA PRO A 209 -3.31 -12.16 -3.69
C PRO A 209 -4.80 -11.96 -4.04
N ASP A 210 -5.69 -12.74 -3.45
CA ASP A 210 -7.11 -12.48 -3.66
C ASP A 210 -7.69 -11.53 -2.63
N GLY A 211 -6.85 -11.10 -1.67
CA GLY A 211 -7.22 -10.14 -0.64
C GLY A 211 -8.14 -10.67 0.44
N SER A 212 -8.26 -11.99 0.58
CA SER A 212 -9.18 -12.56 1.57
C SER A 212 -8.50 -13.01 2.89
N LYS A 213 -7.20 -13.10 2.88
CA LYS A 213 -6.47 -13.48 4.04
C LYS A 213 -5.28 -12.62 4.26
N LEU A 214 -4.89 -12.55 5.51
CA LEU A 214 -3.69 -11.90 5.95
C LEU A 214 -2.85 -12.92 6.68
N ALA A 215 -1.54 -12.90 6.48
CA ALA A 215 -0.60 -13.73 7.19
C ALA A 215 0.15 -12.78 8.10
N TYR A 216 0.51 -13.20 9.30
CA TYR A 216 1.24 -12.35 10.23
C TYR A 216 1.97 -13.14 11.29
N VAL A 217 2.92 -12.48 11.95
CA VAL A 217 3.65 -13.07 13.06
C VAL A 217 2.96 -12.64 14.33
N THR A 218 2.72 -13.59 15.22
CA THR A 218 2.16 -13.28 16.53
C THR A 218 3.05 -13.87 17.62
N PHE A 219 3.11 -13.20 18.76
CA PHE A 219 3.86 -13.70 19.91
C PHE A 219 2.93 -14.11 21.05
N GLU A 220 1.67 -14.18 20.77
CA GLU A 220 0.64 -14.58 21.68
C GLU A 220 0.97 -15.75 22.58
N SER A 221 1.73 -16.70 22.09
CA SER A 221 2.10 -17.87 22.84
C SER A 221 3.22 -17.75 23.86
N GLY A 222 4.03 -16.73 23.72
CA GLY A 222 5.16 -16.49 24.55
C GLY A 222 6.27 -16.50 23.56
N ARG A 223 5.98 -17.17 22.48
CA ARG A 223 6.89 -17.42 21.41
C ARG A 223 6.35 -16.92 20.08
N SER A 224 7.25 -16.68 19.13
CA SER A 224 6.86 -16.20 17.81
C SER A 224 6.20 -17.31 17.00
N ALA A 225 5.16 -16.96 16.25
CA ALA A 225 4.45 -17.92 15.42
C ALA A 225 3.85 -17.26 14.19
N LEU A 226 3.76 -18.01 13.10
CA LEU A 226 3.20 -17.49 11.86
C LEU A 226 1.83 -18.09 11.58
N VAL A 227 0.80 -17.25 11.57
CA VAL A 227 -0.56 -17.70 11.32
C VAL A 227 -1.06 -17.05 10.03
N ILE A 228 -2.17 -17.58 9.51
CA ILE A 228 -2.89 -16.96 8.42
C ILE A 228 -4.33 -16.82 8.89
N GLN A 229 -4.90 -15.62 8.73
CA GLN A 229 -6.28 -15.35 9.13
C GLN A 229 -7.17 -14.97 7.95
N THR A 230 -8.33 -15.63 7.87
CA THR A 230 -9.37 -15.27 6.91
C THR A 230 -10.08 -14.02 7.45
N LEU A 231 -10.11 -12.98 6.62
CA LEU A 231 -10.66 -11.70 7.06
C LEU A 231 -12.17 -11.74 7.33
N ALA A 232 -12.92 -12.34 6.46
CA ALA A 232 -14.35 -12.42 6.62
C ALA A 232 -14.85 -13.15 7.83
N ASN A 233 -14.08 -14.13 8.20
CA ASN A 233 -14.33 -15.11 9.21
C ASN A 233 -13.73 -14.96 10.54
N GLY A 234 -12.47 -14.61 10.52
CA GLY A 234 -11.70 -14.56 11.70
C GLY A 234 -11.01 -15.88 11.86
N ALA A 235 -11.32 -16.85 11.00
CA ALA A 235 -10.71 -18.18 11.06
C ALA A 235 -9.17 -18.08 11.01
N VAL A 236 -8.50 -18.87 11.80
CA VAL A 236 -7.09 -18.83 11.89
C VAL A 236 -6.41 -20.15 11.60
N ARG A 237 -5.51 -20.14 10.65
CA ARG A 237 -4.76 -21.30 10.32
C ARG A 237 -3.35 -21.17 10.80
N GLN A 238 -2.93 -22.14 11.57
CA GLN A 238 -1.59 -22.20 12.07
C GLN A 238 -0.66 -22.61 10.96
N VAL A 239 0.46 -21.90 10.82
CA VAL A 239 1.34 -22.12 9.69
C VAL A 239 2.68 -22.72 10.10
N ALA A 240 3.31 -22.16 11.11
CA ALA A 240 4.61 -22.57 11.51
C ALA A 240 4.99 -22.07 12.85
N SER A 241 5.50 -22.93 13.70
CA SER A 241 5.97 -22.50 14.99
C SER A 241 7.06 -23.55 15.14
N PHE A 242 8.30 -23.19 14.96
CA PHE A 242 9.42 -24.08 15.08
C PHE A 242 10.05 -23.35 16.21
N PRO A 243 11.09 -23.90 16.77
CA PRO A 243 11.95 -23.22 17.70
C PRO A 243 12.59 -22.00 17.11
N ARG A 244 12.88 -21.08 17.98
CA ARG A 244 13.43 -19.83 17.61
C ARG A 244 12.40 -19.00 16.89
N HIS A 245 12.74 -18.60 15.70
CA HIS A 245 12.05 -17.46 15.10
C HIS A 245 11.16 -17.90 13.92
N ASN A 246 10.06 -17.20 13.73
CA ASN A 246 9.14 -17.53 12.66
C ASN A 246 8.59 -16.18 12.20
N GLY A 247 8.99 -15.70 11.05
CA GLY A 247 8.44 -14.45 10.61
C GLY A 247 8.51 -14.04 9.17
N ALA A 248 8.08 -12.84 8.89
CA ALA A 248 8.12 -12.22 7.58
C ALA A 248 7.43 -12.85 6.44
N PRO A 249 6.13 -12.99 6.49
CA PRO A 249 5.48 -13.69 5.40
C PRO A 249 5.23 -12.90 4.09
N ALA A 250 5.17 -13.65 3.00
CA ALA A 250 4.81 -13.11 1.69
C ALA A 250 4.08 -14.21 0.92
N PHE A 251 2.87 -13.90 0.49
CA PHE A 251 2.10 -14.76 -0.39
C PHE A 251 2.59 -14.62 -1.85
N SER A 252 2.75 -15.74 -2.56
CA SER A 252 3.12 -15.65 -3.97
C SER A 252 1.95 -15.06 -4.81
N PRO A 253 2.28 -14.32 -5.89
CA PRO A 253 1.24 -13.69 -6.72
C PRO A 253 0.19 -14.66 -7.27
N ASP A 254 0.59 -15.90 -7.59
CA ASP A 254 -0.32 -16.93 -8.16
C ASP A 254 -1.14 -17.62 -7.08
N GLY A 255 -0.82 -17.39 -5.84
CA GLY A 255 -1.58 -17.86 -4.72
C GLY A 255 -1.36 -19.23 -4.21
N SER A 256 -0.21 -19.77 -4.47
CA SER A 256 0.04 -21.12 -4.11
C SER A 256 1.02 -21.30 -3.03
N LYS A 257 1.77 -20.26 -2.73
CA LYS A 257 2.79 -20.32 -1.76
C LYS A 257 2.90 -19.26 -0.74
N LEU A 258 3.62 -19.58 0.31
CA LEU A 258 3.92 -18.62 1.30
C LEU A 258 5.37 -18.74 1.56
N ALA A 259 6.04 -17.62 1.44
CA ALA A 259 7.42 -17.51 1.75
C ALA A 259 7.50 -16.87 3.13
N PHE A 260 8.50 -17.22 3.89
CA PHE A 260 8.73 -16.69 5.21
C PHE A 260 10.15 -16.96 5.61
N ALA A 261 10.55 -16.46 6.76
CA ALA A 261 11.86 -16.68 7.34
C ALA A 261 11.80 -17.50 8.62
N LEU A 262 12.75 -18.41 8.82
CA LEU A 262 12.85 -19.23 10.04
C LEU A 262 14.28 -19.23 10.47
N SER A 263 14.56 -19.16 11.77
CA SER A 263 15.94 -19.13 12.25
C SER A 263 16.35 -20.33 13.10
N LYS A 264 15.61 -21.44 12.97
CA LYS A 264 15.85 -22.63 13.79
C LYS A 264 17.13 -23.38 13.47
N THR A 265 17.77 -23.01 12.39
CA THR A 265 18.96 -23.65 12.04
C THR A 265 20.06 -22.92 12.67
N GLY A 266 19.79 -21.70 13.07
CA GLY A 266 20.82 -20.90 13.69
C GLY A 266 20.88 -19.45 13.30
N SER A 267 20.43 -19.18 12.09
CA SER A 267 20.32 -17.87 11.52
C SER A 267 19.10 -17.94 10.68
N LEU A 268 18.57 -16.80 10.31
CA LEU A 268 17.39 -16.74 9.52
C LEU A 268 17.62 -17.16 8.11
N ASN A 269 16.75 -18.00 7.61
CA ASN A 269 16.86 -18.52 6.26
C ASN A 269 15.47 -18.61 5.62
N LEU A 270 15.40 -18.57 4.29
CA LEU A 270 14.09 -18.49 3.64
C LEU A 270 13.47 -19.88 3.42
N TYR A 271 12.20 -20.00 3.78
CA TYR A 271 11.43 -21.21 3.54
C TYR A 271 10.19 -20.87 2.76
N VAL A 272 9.68 -21.83 1.98
CA VAL A 272 8.45 -21.65 1.22
C VAL A 272 7.47 -22.77 1.51
N MET A 273 6.22 -22.44 1.72
CA MET A 273 5.20 -23.42 1.96
C MET A 273 4.19 -23.58 0.85
N ASP A 274 3.87 -24.81 0.54
CA ASP A 274 2.87 -25.13 -0.43
C ASP A 274 1.61 -25.12 0.34
N LEU A 275 0.70 -24.25 -0.02
CA LEU A 275 -0.50 -24.11 0.74
C LEU A 275 -1.53 -25.19 0.55
N ALA A 276 -1.56 -25.80 -0.60
CA ALA A 276 -2.41 -26.96 -0.81
C ALA A 276 -2.07 -28.16 0.11
N SER A 277 -0.79 -28.42 0.32
CA SER A 277 -0.35 -29.52 1.14
C SER A 277 0.23 -29.26 2.50
N GLY A 278 0.79 -28.10 2.73
CA GLY A 278 1.34 -27.78 4.03
C GLY A 278 2.80 -28.00 4.11
N GLN A 279 3.34 -28.47 3.00
CA GLN A 279 4.71 -28.85 2.82
C GLN A 279 5.65 -27.68 2.78
N ILE A 280 6.77 -27.77 3.45
CA ILE A 280 7.70 -26.64 3.54
C ILE A 280 9.07 -26.97 2.93
N ARG A 281 9.61 -26.07 2.11
CA ARG A 281 10.94 -26.16 1.50
C ARG A 281 11.93 -25.22 2.13
N GLN A 282 13.22 -25.51 2.12
CA GLN A 282 14.20 -24.57 2.61
C GLN A 282 14.77 -24.03 1.32
N VAL A 283 14.77 -22.72 1.22
CA VAL A 283 15.20 -21.97 0.08
C VAL A 283 16.59 -21.43 0.20
N THR A 284 16.98 -21.10 1.41
CA THR A 284 18.31 -20.62 1.67
C THR A 284 18.96 -21.43 2.75
N ASP A 285 20.26 -21.55 2.72
CA ASP A 285 21.06 -22.12 3.75
C ASP A 285 22.15 -21.10 3.73
N GLY A 286 22.77 -20.84 4.84
CA GLY A 286 23.68 -19.74 4.93
C GLY A 286 23.76 -19.45 6.39
N ARG A 287 24.98 -19.23 6.86
CA ARG A 287 25.25 -18.96 8.26
CA ARG A 287 25.18 -18.98 8.28
C ARG A 287 24.78 -17.54 8.57
N SER A 288 24.57 -16.79 7.50
CA SER A 288 24.05 -15.43 7.56
C SER A 288 22.54 -15.40 7.82
N ASN A 289 22.00 -14.22 8.11
CA ASN A 289 20.57 -14.07 8.23
C ASN A 289 19.95 -13.63 6.94
N ASN A 290 18.97 -14.41 6.51
CA ASN A 290 18.19 -14.11 5.33
C ASN A 290 16.71 -14.00 5.67
N THR A 291 16.18 -12.79 5.50
CA THR A 291 14.80 -12.53 5.86
C THR A 291 14.13 -11.54 4.92
N GLU A 292 12.85 -11.24 5.22
CA GLU A 292 12.03 -10.28 4.47
C GLU A 292 11.87 -10.64 2.99
N PRO A 293 11.40 -11.86 2.71
CA PRO A 293 11.09 -12.27 1.32
C PRO A 293 10.00 -11.44 0.66
N THR A 294 10.17 -11.26 -0.63
CA THR A 294 9.30 -10.57 -1.52
C THR A 294 9.29 -11.27 -2.88
N TRP A 295 8.14 -11.46 -3.43
CA TRP A 295 8.01 -12.12 -4.69
C TRP A 295 8.18 -11.29 -5.92
N PHE A 296 8.60 -11.97 -6.98
CA PHE A 296 8.69 -11.47 -8.33
C PHE A 296 7.39 -11.94 -8.93
N PRO A 297 6.94 -11.35 -10.02
CA PRO A 297 5.60 -11.63 -10.56
C PRO A 297 5.41 -13.08 -10.98
N ASP A 298 6.52 -13.82 -11.13
CA ASP A 298 6.46 -15.19 -11.67
C ASP A 298 6.24 -16.29 -10.64
N SER A 299 6.05 -15.90 -9.38
CA SER A 299 5.95 -16.83 -8.25
C SER A 299 7.09 -17.88 -8.23
N GLN A 300 8.26 -17.50 -8.68
CA GLN A 300 9.42 -18.35 -8.67
C GLN A 300 10.63 -17.80 -7.97
N ASN A 301 10.85 -16.51 -8.10
CA ASN A 301 11.97 -15.88 -7.51
C ASN A 301 11.57 -14.97 -6.40
N LEU A 302 12.50 -14.74 -5.51
CA LEU A 302 12.28 -13.88 -4.39
C LEU A 302 13.42 -12.96 -4.27
N ALA A 303 13.17 -11.79 -3.76
CA ALA A 303 14.18 -10.86 -3.40
C ALA A 303 14.08 -10.90 -1.88
N PHE A 304 15.17 -10.70 -1.19
CA PHE A 304 15.16 -10.71 0.26
C PHE A 304 16.32 -9.89 0.82
N THR A 305 16.41 -9.78 2.14
CA THR A 305 17.53 -9.07 2.76
C THR A 305 18.49 -10.05 3.42
N SER A 306 19.78 -9.81 3.24
CA SER A 306 20.82 -10.64 3.85
C SER A 306 21.96 -9.80 4.42
N ASP A 307 22.45 -10.17 5.59
CA ASP A 307 23.59 -9.47 6.23
C ASP A 307 24.92 -10.16 5.91
N GLN A 308 24.84 -11.23 5.15
CA GLN A 308 25.99 -12.02 4.73
C GLN A 308 27.17 -11.19 4.22
N ALA A 309 26.88 -9.96 3.80
CA ALA A 309 27.94 -9.08 3.31
C ALA A 309 28.25 -7.95 4.30
N GLY A 310 27.77 -8.11 5.55
CA GLY A 310 28.00 -7.09 6.58
C GLY A 310 26.75 -6.30 6.90
N ARG A 311 26.62 -5.14 6.25
CA ARG A 311 25.42 -4.33 6.35
C ARG A 311 24.37 -4.87 5.38
N PRO A 312 23.12 -4.98 5.85
CA PRO A 312 22.04 -5.53 5.02
C PRO A 312 22.04 -5.08 3.55
N GLN A 313 21.81 -6.03 2.66
CA GLN A 313 21.74 -5.79 1.24
C GLN A 313 20.61 -6.62 0.65
N VAL A 314 20.09 -6.21 -0.48
CA VAL A 314 19.03 -6.95 -1.13
C VAL A 314 19.58 -7.99 -2.07
N TYR A 315 19.10 -9.20 -1.94
CA TYR A 315 19.56 -10.25 -2.76
C TYR A 315 18.42 -10.92 -3.52
N LYS A 316 18.72 -11.85 -4.40
CA LYS A 316 17.70 -12.60 -5.08
C LYS A 316 18.06 -14.04 -5.29
N VAL A 317 17.07 -14.89 -5.41
CA VAL A 317 17.24 -16.33 -5.40
C VAL A 317 15.99 -16.96 -5.98
N ASN A 318 16.16 -18.07 -6.68
CA ASN A 318 15.08 -18.94 -7.08
C ASN A 318 14.75 -19.94 -6.00
N ILE A 319 13.49 -20.32 -5.92
CA ILE A 319 13.06 -21.19 -4.87
C ILE A 319 13.42 -22.61 -5.13
N ASN A 320 13.90 -22.90 -6.32
CA ASN A 320 14.45 -24.19 -6.67
C ASN A 320 15.93 -24.34 -6.54
N GLY A 321 16.56 -23.30 -6.08
CA GLY A 321 17.91 -23.41 -5.62
C GLY A 321 18.76 -22.58 -6.52
N GLY A 322 20.05 -22.70 -6.35
CA GLY A 322 20.98 -21.81 -6.99
C GLY A 322 21.38 -20.88 -5.90
N ALA A 323 22.41 -20.10 -6.16
CA ALA A 323 22.89 -19.20 -5.19
C ALA A 323 22.20 -17.94 -5.46
N PRO A 324 22.03 -17.18 -4.40
CA PRO A 324 21.44 -15.88 -4.50
C PRO A 324 22.42 -14.97 -5.08
N GLN A 325 21.93 -13.88 -5.58
CA GLN A 325 22.72 -12.93 -6.26
C GLN A 325 22.39 -11.63 -5.57
N ARG A 326 23.37 -10.80 -5.31
CA ARG A 326 23.18 -9.45 -4.87
C ARG A 326 22.64 -8.66 -5.98
N ILE A 327 21.76 -7.77 -5.63
CA ILE A 327 21.16 -6.89 -6.64
C ILE A 327 21.19 -5.41 -6.26
N THR A 328 21.62 -5.11 -5.03
CA THR A 328 21.74 -3.70 -4.58
C THR A 328 23.19 -3.27 -4.35
N TRP A 329 23.72 -2.47 -5.27
CA TRP A 329 25.08 -1.94 -5.15
C TRP A 329 25.13 -0.44 -4.86
N GLU A 330 23.98 0.21 -4.78
CA GLU A 330 23.92 1.63 -4.46
C GLU A 330 23.66 1.86 -2.98
N GLY A 331 24.53 2.57 -2.32
CA GLY A 331 24.37 2.82 -0.92
C GLY A 331 25.01 1.79 -0.05
N SER A 332 25.07 2.09 1.22
CA SER A 332 25.70 1.27 2.24
C SER A 332 24.87 0.15 2.81
N GLN A 333 23.56 0.26 2.69
CA GLN A 333 22.62 -0.62 3.33
C GLN A 333 21.32 -0.53 2.61
N ASN A 334 20.79 -1.67 2.22
CA ASN A 334 19.50 -1.73 1.57
C ASN A 334 18.73 -2.91 2.10
N GLN A 335 17.55 -2.71 2.64
CA GLN A 335 16.82 -3.79 3.23
C GLN A 335 15.33 -3.63 2.99
N ASP A 336 14.56 -4.66 3.29
CA ASP A 336 13.11 -4.63 3.21
C ASP A 336 12.47 -4.33 1.84
N ALA A 337 12.67 -5.19 0.90
CA ALA A 337 12.24 -4.82 -0.46
C ALA A 337 10.79 -5.19 -0.74
N ASP A 338 10.22 -4.49 -1.72
CA ASP A 338 8.89 -4.77 -2.26
C ASP A 338 9.01 -4.68 -3.77
N VAL A 339 8.83 -5.78 -4.47
CA VAL A 339 8.92 -5.74 -5.93
C VAL A 339 7.56 -5.35 -6.54
N SER A 340 7.57 -4.50 -7.56
CA SER A 340 6.34 -4.10 -8.22
C SER A 340 5.59 -5.32 -8.78
N SER A 341 4.29 -5.17 -9.05
CA SER A 341 3.50 -6.27 -9.61
C SER A 341 3.91 -6.66 -11.04
N ASP A 342 4.53 -5.73 -11.77
CA ASP A 342 5.02 -6.00 -13.13
C ASP A 342 6.51 -6.40 -13.13
N GLY A 343 7.12 -6.41 -11.96
CA GLY A 343 8.52 -6.76 -11.82
C GLY A 343 9.49 -5.80 -12.46
N LYS A 344 9.04 -4.57 -12.72
CA LYS A 344 9.91 -3.55 -13.32
C LYS A 344 10.83 -2.83 -12.32
N PHE A 345 10.42 -2.79 -11.05
CA PHE A 345 11.17 -2.07 -10.03
C PHE A 345 10.89 -2.59 -8.61
N MET A 346 11.61 -2.05 -7.66
CA MET A 346 11.44 -2.42 -6.29
C MET A 346 11.59 -1.20 -5.41
N VAL A 347 10.88 -1.15 -4.29
CA VAL A 347 11.08 -0.10 -3.32
C VAL A 347 11.79 -0.73 -2.12
N MET A 348 12.48 0.07 -1.34
CA MET A 348 13.24 -0.42 -0.21
C MET A 348 13.65 0.63 0.77
N VAL A 349 14.17 0.23 1.89
CA VAL A 349 14.75 1.14 2.84
C VAL A 349 16.23 1.10 2.51
N SER A 350 16.74 2.27 2.19
CA SER A 350 18.07 2.46 1.74
C SER A 350 18.84 3.53 2.50
N SER A 351 20.10 3.27 2.80
CA SER A 351 20.99 4.24 3.44
C SER A 351 21.89 4.75 2.36
N ASN A 352 21.77 6.04 2.11
CA ASN A 352 22.37 6.74 0.99
C ASN A 352 22.76 8.12 1.50
N GLY A 353 23.92 8.60 1.11
CA GLY A 353 24.33 9.92 1.54
C GLY A 353 24.27 10.05 3.02
N GLY A 354 24.41 8.91 3.70
CA GLY A 354 24.48 8.89 5.13
C GLY A 354 23.27 8.76 5.99
N GLN A 355 22.12 8.44 5.41
CA GLN A 355 20.91 8.28 6.18
C GLN A 355 19.90 7.45 5.45
N GLN A 356 18.82 7.07 6.13
CA GLN A 356 17.85 6.16 5.64
C GLN A 356 16.46 6.61 5.17
N HIS A 357 16.16 6.38 3.89
CA HIS A 357 14.89 6.74 3.30
C HIS A 357 14.36 5.64 2.41
N ILE A 358 13.11 5.78 2.00
CA ILE A 358 12.52 4.88 1.06
C ILE A 358 13.04 5.24 -0.34
N ALA A 359 13.56 4.24 -1.05
CA ALA A 359 14.09 4.46 -2.39
C ALA A 359 13.78 3.28 -3.31
N LYS A 360 13.56 3.64 -4.57
CA LYS A 360 13.21 2.85 -5.76
C LYS A 360 14.37 2.29 -6.60
N GLN A 361 14.38 1.02 -7.02
CA GLN A 361 15.48 0.58 -7.87
C GLN A 361 14.95 -0.06 -9.15
N ASP A 362 15.14 0.64 -10.26
CA ASP A 362 14.69 0.14 -11.55
C ASP A 362 15.41 -1.17 -11.81
N LEU A 363 14.65 -2.26 -11.93
CA LEU A 363 15.26 -3.59 -11.99
C LEU A 363 15.93 -3.92 -13.32
N ALA A 364 15.54 -3.21 -14.37
CA ALA A 364 16.24 -3.33 -15.65
C ALA A 364 17.54 -2.49 -15.68
N THR A 365 17.41 -1.18 -15.44
CA THR A 365 18.55 -0.26 -15.55
C THR A 365 19.51 -0.33 -14.34
N GLY A 366 19.02 -0.14 -13.14
CA GLY A 366 19.85 -0.27 -11.98
C GLY A 366 19.86 0.95 -11.14
N GLY A 367 19.19 1.95 -11.66
CA GLY A 367 19.13 3.23 -11.04
C GLY A 367 18.31 3.31 -9.81
N VAL A 368 18.72 4.17 -8.91
CA VAL A 368 18.05 4.36 -7.67
C VAL A 368 17.59 5.77 -7.58
N GLN A 369 16.42 5.98 -7.01
CA GLN A 369 15.89 7.29 -6.74
C GLN A 369 15.41 7.34 -5.33
N VAL A 370 15.82 8.33 -4.57
CA VAL A 370 15.31 8.51 -3.22
C VAL A 370 13.92 9.16 -3.26
N LEU A 371 12.96 8.58 -2.55
CA LEU A 371 11.56 9.01 -2.64
C LEU A 371 11.06 9.78 -1.42
N SER A 372 11.46 9.36 -0.23
CA SER A 372 10.93 9.95 0.99
C SER A 372 12.02 10.83 1.57
N SER A 373 11.62 11.74 2.46
CA SER A 373 12.56 12.64 3.12
C SER A 373 12.25 12.80 4.61
N THR A 374 11.42 11.90 5.13
CA THR A 374 11.08 11.90 6.55
C THR A 374 12.15 11.14 7.33
N PHE A 375 11.88 10.92 8.62
CA PHE A 375 12.87 10.34 9.50
C PHE A 375 12.52 8.91 9.84
N LEU A 376 13.57 8.08 9.92
CA LEU A 376 13.49 6.65 10.26
C LEU A 376 12.40 5.93 9.45
N ASP A 377 12.50 6.01 8.16
CA ASP A 377 11.62 5.41 7.19
C ASP A 377 11.72 3.91 7.11
N GLU A 378 10.65 3.21 7.42
CA GLU A 378 10.68 1.79 7.43
C GLU A 378 9.55 1.16 6.68
N THR A 379 9.70 -0.10 6.44
CA THR A 379 8.72 -0.95 5.84
C THR A 379 7.90 -0.49 4.64
N PRO A 380 8.51 -0.23 3.50
CA PRO A 380 7.65 0.31 2.42
C PRO A 380 6.80 -0.76 1.76
N SER A 381 5.68 -0.39 1.18
CA SER A 381 4.76 -1.30 0.51
C SER A 381 4.14 -0.64 -0.67
N LEU A 382 4.19 -1.27 -1.81
CA LEU A 382 3.64 -0.75 -3.02
C LEU A 382 2.18 -1.00 -3.23
N ALA A 383 1.54 -0.08 -3.90
CA ALA A 383 0.17 -0.18 -4.28
C ALA A 383 0.14 -1.18 -5.43
N PRO A 384 -0.95 -1.88 -5.68
CA PRO A 384 -0.96 -2.90 -6.74
C PRO A 384 -0.72 -2.37 -8.18
N ASN A 385 -0.89 -1.05 -8.40
CA ASN A 385 -0.53 -0.44 -9.69
C ASN A 385 0.81 0.27 -9.70
N GLY A 386 1.55 0.18 -8.60
CA GLY A 386 2.93 0.69 -8.52
C GLY A 386 3.11 2.20 -8.46
N THR A 387 2.05 2.91 -8.21
CA THR A 387 2.07 4.35 -8.19
C THR A 387 2.30 4.97 -6.88
N MET A 388 2.14 4.19 -5.84
CA MET A 388 2.28 4.69 -4.51
C MET A 388 2.93 3.69 -3.60
N VAL A 389 3.54 4.23 -2.56
CA VAL A 389 4.14 3.55 -1.46
C VAL A 389 3.62 4.05 -0.12
N ILE A 390 3.29 3.12 0.73
CA ILE A 390 2.94 3.35 2.10
C ILE A 390 4.09 2.86 2.97
N TYR A 391 4.49 3.67 3.92
CA TYR A 391 5.59 3.30 4.79
C TYR A 391 5.40 3.92 6.15
N SER A 392 6.13 3.41 7.13
CA SER A 392 6.14 3.94 8.49
C SER A 392 7.29 4.96 8.63
N SER A 393 7.10 5.96 9.44
CA SER A 393 8.14 6.89 9.68
C SER A 393 8.08 7.25 11.14
N SER A 394 9.15 7.87 11.61
CA SER A 394 9.29 8.18 13.03
C SER A 394 8.96 9.57 13.38
N GLN A 395 8.10 9.64 14.39
CA GLN A 395 7.57 10.84 14.97
C GLN A 395 7.37 10.76 16.48
N GLY A 396 8.38 11.22 17.21
CA GLY A 396 8.33 11.28 18.65
C GLY A 396 8.77 9.96 19.23
N MET A 397 8.00 9.44 20.13
CA MET A 397 8.32 8.14 20.65
C MET A 397 7.41 7.20 19.94
N GLY A 398 6.70 7.71 18.92
CA GLY A 398 5.73 6.87 18.20
C GLY A 398 5.97 6.69 16.72
N SER A 399 5.18 5.85 16.03
CA SER A 399 5.16 5.63 14.57
C SER A 399 3.84 6.14 13.96
N VAL A 400 3.91 6.51 12.69
CA VAL A 400 2.75 7.02 11.93
C VAL A 400 2.95 6.58 10.48
N LEU A 401 1.91 6.75 9.65
CA LEU A 401 2.00 6.26 8.29
C LEU A 401 2.07 7.36 7.26
N ASN A 402 2.87 7.08 6.23
CA ASN A 402 3.17 8.04 5.23
C ASN A 402 3.00 7.41 3.88
N LEU A 403 2.69 8.28 2.93
CA LEU A 403 2.35 7.87 1.61
C LEU A 403 3.20 8.72 0.71
N VAL A 404 3.89 8.07 -0.23
CA VAL A 404 4.71 8.81 -1.19
C VAL A 404 4.45 8.26 -2.59
N SER A 405 4.24 9.13 -3.51
CA SER A 405 4.06 8.70 -4.84
C SER A 405 5.40 8.22 -5.36
N THR A 406 5.32 7.23 -6.19
CA THR A 406 6.40 6.48 -6.72
C THR A 406 7.31 7.27 -7.68
N ASP A 407 6.78 8.39 -8.13
CA ASP A 407 7.50 9.37 -8.92
C ASP A 407 8.22 10.43 -8.08
N GLY A 408 7.93 10.48 -6.80
CA GLY A 408 8.55 11.37 -5.83
C GLY A 408 7.87 12.71 -5.64
N ARG A 409 6.81 12.98 -6.40
CA ARG A 409 6.13 14.29 -6.40
C ARG A 409 5.27 14.61 -5.19
N PHE A 410 4.59 13.60 -4.68
CA PHE A 410 3.61 13.83 -3.63
C PHE A 410 3.91 13.07 -2.37
N LYS A 411 3.88 13.77 -1.27
CA LYS A 411 4.20 13.23 -0.01
C LYS A 411 3.08 13.63 0.87
N ALA A 412 2.68 12.75 1.76
CA ALA A 412 1.62 13.03 2.70
C ALA A 412 1.62 12.10 3.89
N ARG A 413 1.11 12.56 5.00
CA ARG A 413 0.99 11.73 6.18
C ARG A 413 -0.46 11.30 6.19
N LEU A 414 -0.78 10.09 6.64
CA LEU A 414 -2.20 9.66 6.72
C LEU A 414 -2.87 10.21 8.01
N PRO A 415 -4.18 10.11 8.14
CA PRO A 415 -4.80 10.55 9.37
C PRO A 415 -4.20 9.82 10.54
N ALA A 416 -4.10 10.44 11.68
CA ALA A 416 -3.46 9.80 12.78
C ALA A 416 -4.41 8.95 13.56
N THR A 417 -3.87 7.98 14.26
CA THR A 417 -4.69 7.19 15.11
C THR A 417 -4.18 7.06 16.52
N ASP A 418 -4.88 6.27 17.29
CA ASP A 418 -4.70 6.15 18.71
C ASP A 418 -3.61 5.25 19.12
N GLY A 419 -2.45 5.60 18.71
CA GLY A 419 -1.30 4.82 19.10
C GLY A 419 -0.32 4.72 17.99
N GLN A 420 0.71 3.95 18.22
CA GLN A 420 1.79 3.76 17.33
C GLN A 420 1.51 2.77 16.18
N VAL A 421 1.82 3.17 14.95
CA VAL A 421 1.59 2.36 13.78
C VAL A 421 2.76 1.86 12.98
N LYS A 422 2.93 0.56 12.93
CA LYS A 422 3.97 -0.07 12.17
C LYS A 422 3.51 -1.12 11.20
N PHE A 423 4.39 -1.48 10.32
CA PHE A 423 4.21 -2.55 9.39
C PHE A 423 3.09 -2.48 8.39
N PRO A 424 3.02 -1.44 7.61
CA PRO A 424 1.96 -1.28 6.62
C PRO A 424 2.12 -2.27 5.45
N ALA A 425 1.00 -2.87 5.06
CA ALA A 425 0.92 -3.73 3.88
C ALA A 425 -0.25 -3.28 2.99
N TRP A 426 0.07 -2.90 1.78
CA TRP A 426 -0.85 -2.55 0.73
C TRP A 426 -1.43 -3.81 0.11
N SER A 427 -2.73 -3.81 -0.04
CA SER A 427 -3.42 -4.90 -0.61
C SER A 427 -3.37 -4.93 -2.11
N PRO A 428 -3.65 -6.09 -2.65
CA PRO A 428 -3.79 -6.31 -4.06
C PRO A 428 -5.07 -5.62 -4.54
N TYR A 429 -5.33 -5.55 -5.83
CA TYR A 429 -6.62 -5.00 -6.23
C TYR A 429 -7.72 -5.81 -5.55
N LEU A 430 -8.79 -5.13 -5.21
CA LEU A 430 -9.87 -5.74 -4.46
C LEU A 430 -11.14 -5.59 -5.26
N LYS B 9 11.69 -10.52 22.64
CA LYS B 9 10.66 -10.59 21.56
C LYS B 9 11.12 -9.94 20.25
N GLY B 10 11.63 -10.75 19.34
CA GLY B 10 12.26 -10.25 18.11
C GLY B 10 12.97 -11.35 17.36
N ASP B 11 13.64 -10.99 16.26
CA ASP B 11 14.30 -12.01 15.46
C ASP B 11 15.80 -12.12 15.76
N GLY B 12 16.30 -11.22 16.60
CA GLY B 12 17.70 -11.21 17.00
C GLY B 12 18.66 -10.95 15.87
N THR B 13 18.39 -9.90 15.10
CA THR B 13 19.33 -9.44 14.09
C THR B 13 19.86 -8.08 14.48
N GLY B 14 18.99 -7.25 15.02
CA GLY B 14 19.36 -5.87 15.29
C GLY B 14 19.30 -5.00 14.04
N TRP B 15 19.17 -5.58 12.89
CA TRP B 15 18.97 -4.76 11.74
C TRP B 15 17.60 -4.75 11.10
N SER B 16 16.91 -5.88 11.13
CA SER B 16 15.63 -6.08 10.44
C SER B 16 14.38 -5.35 10.91
N SER B 17 13.30 -5.55 10.16
CA SER B 17 12.04 -4.97 10.44
C SER B 17 11.46 -5.59 11.64
N GLU B 18 12.04 -6.72 12.01
CA GLU B 18 11.50 -7.56 13.03
C GLU B 18 12.41 -7.84 14.20
N ARG B 19 13.16 -6.87 14.68
CA ARG B 19 14.13 -7.06 15.77
C ARG B 19 13.53 -6.94 17.14
N GLY B 20 12.67 -5.94 17.36
CA GLY B 20 12.13 -5.66 18.68
C GLY B 20 11.19 -4.44 18.69
#